data_3OH9
#
_entry.id   3OH9
#
_cell.length_a   139.900
_cell.length_b   139.900
_cell.length_c   91.100
_cell.angle_alpha   90.000
_cell.angle_beta   90.000
_cell.angle_gamma   90.000
#
_symmetry.space_group_name_H-M   'I 41 2 2'
#
loop_
_entity.id
_entity.type
_entity.pdbx_description
1 polymer 'DNA-3-methyladenine glycosylase 2'
2 polymer "5'-D(*GP*GP*CP*AP*TP*TP*CP*AP*TP*GP*T)-3'"
3 polymer "5'-D(*AP*CP*AP*(BRU)P*GP*AP*AP*(BRU)P*GP*CP*C)-3'"
4 water water
#
loop_
_entity_poly.entity_id
_entity_poly.type
_entity_poly.pdbx_seq_one_letter_code
_entity_poly.pdbx_strand_id
1 'polypeptide(L)'
;MADIGSEFYTLNWQPPYDWSWMLGFLAARAVSSVETVADSYYARSLAVGEYRGVVTAIPDIARHTLHINLSAGLEPVAAE
CLAKMSRLFDLQCNPQIVNGALGRLGAARPGLRLPGCVDAFEQGVRAILGQLVSVAMAAKLTARVAQLYGERLDDFPEYI
CFPTPQRLAAADPQALKALGMPLKRAEALIHLANAALEGTLPMTIPGDVEQAMKTLQTFPGIGRWTANYFALRGWQAKDV
FLPDDCLIKQRFPGMTPAQIRRYAERWKPWRSYALLHIWYTEGWQPDEA
;
A
2 'polydeoxyribonucleotide' (DG)(DG)(DC)(DA)(DT)(DT)(DC)(DA)(DT)(DG)(DT) B
3 'polydeoxyribonucleotide' (DA)(DC)(DA)(BRU)(DG)(DA)(DA)(BRU)(DG)(DC)(DC) C
#
# COMPACT_ATOMS: atom_id res chain seq x y z
N MET A 1 -7.70 18.18 12.93
CA MET A 1 -7.72 17.34 14.13
C MET A 1 -9.10 17.38 14.79
N ALA A 2 -10.01 18.16 14.22
CA ALA A 2 -11.40 18.18 14.68
C ALA A 2 -12.23 17.07 14.05
N ASP A 3 -12.92 16.30 14.88
CA ASP A 3 -13.80 15.24 14.43
C ASP A 3 -14.47 15.58 13.09
N ILE A 4 -14.16 14.81 12.06
CA ILE A 4 -14.81 14.98 10.77
C ILE A 4 -16.13 14.21 10.68
N GLY A 5 -16.54 13.59 11.77
CA GLY A 5 -17.73 12.77 11.78
C GLY A 5 -18.29 12.57 13.17
N SER A 6 -19.56 12.21 13.23
CA SER A 6 -20.22 11.95 14.51
C SER A 6 -20.11 10.45 14.88
N GLU A 7 -20.01 9.60 13.87
CA GLU A 7 -19.88 8.17 14.13
C GLU A 7 -18.44 7.74 14.34
N PHE A 8 -18.20 7.04 15.45
CA PHE A 8 -16.88 6.51 15.77
C PHE A 8 -16.93 4.98 15.88
N TYR A 9 -15.83 4.33 15.53
CA TYR A 9 -15.75 2.86 15.49
C TYR A 9 -14.40 2.42 16.06
N THR A 10 -14.29 1.16 16.43
CA THR A 10 -13.11 0.66 17.13
C THR A 10 -12.69 -0.65 16.54
N LEU A 11 -11.41 -0.78 16.20
CA LEU A 11 -10.88 -2.02 15.64
C LEU A 11 -9.79 -2.57 16.51
N ASN A 12 -9.84 -3.86 16.78
CA ASN A 12 -8.90 -4.43 17.71
C ASN A 12 -7.71 -4.91 16.93
N TRP A 13 -6.53 -4.84 17.55
CA TRP A 13 -5.35 -5.42 16.94
C TRP A 13 -4.65 -6.25 18.02
N GLN A 14 -3.87 -7.24 17.58
CA GLN A 14 -3.11 -8.07 18.49
C GLN A 14 -1.66 -7.57 18.62
N PRO A 15 -1.29 -7.08 19.81
CA PRO A 15 0.09 -6.65 20.05
C PRO A 15 1.04 -7.81 19.76
N PRO A 16 2.32 -7.50 19.45
CA PRO A 16 2.88 -6.15 19.41
C PRO A 16 2.58 -5.48 18.09
N TYR A 17 2.67 -4.16 18.06
CA TYR A 17 2.37 -3.41 16.86
C TYR A 17 3.10 -2.07 16.93
N ASP A 18 4.10 -1.92 16.07
CA ASP A 18 4.84 -0.67 15.96
C ASP A 18 4.09 0.35 15.11
N TRP A 19 3.32 1.19 15.78
CA TRP A 19 2.57 2.26 15.14
C TRP A 19 3.43 3.43 14.70
N SER A 20 4.50 3.74 15.42
CA SER A 20 5.34 4.85 14.98
C SER A 20 5.89 4.52 13.63
N TRP A 21 6.36 3.29 13.46
CA TRP A 21 6.90 2.86 12.19
C TRP A 21 5.85 2.97 11.08
N MET A 22 4.77 2.21 11.24
CA MET A 22 3.65 2.22 10.32
C MET A 22 3.32 3.63 9.88
N LEU A 23 2.99 4.50 10.83
CA LEU A 23 2.61 5.86 10.50
C LEU A 23 3.77 6.63 9.86
N GLY A 24 5.00 6.24 10.19
CA GLY A 24 6.16 6.84 9.58
C GLY A 24 6.17 6.46 8.12
N PHE A 25 5.99 5.17 7.87
CA PHE A 25 5.96 4.60 6.52
C PHE A 25 4.94 5.31 5.66
N LEU A 26 3.70 5.36 6.14
CA LEU A 26 2.63 5.94 5.38
C LEU A 26 2.81 7.44 5.15
N ALA A 27 3.39 8.12 6.15
CA ALA A 27 3.57 9.57 6.11
C ALA A 27 4.53 9.97 5.01
N ALA A 28 5.61 9.22 4.87
CA ALA A 28 6.58 9.41 3.81
C ALA A 28 5.92 9.35 2.42
N ARG A 29 4.97 8.42 2.27
CA ARG A 29 4.32 8.15 1.00
C ARG A 29 2.97 8.84 0.91
N ALA A 30 2.73 9.74 1.85
CA ALA A 30 1.49 10.50 1.92
C ALA A 30 1.35 11.46 0.75
N VAL A 31 0.29 11.25 -0.03
CA VAL A 31 -0.06 12.12 -1.15
C VAL A 31 -0.84 13.36 -0.69
N SER A 32 -0.25 14.54 -0.86
CA SER A 32 -0.74 15.79 -0.25
C SER A 32 -2.23 15.94 0.09
N SER A 33 -3.06 16.11 -0.93
CA SER A 33 -4.44 16.48 -0.64
C SER A 33 -5.38 15.29 -0.53
N VAL A 34 -4.80 14.09 -0.63
CA VAL A 34 -5.56 12.86 -0.49
C VAL A 34 -5.50 12.36 0.95
N GLU A 35 -4.32 12.40 1.56
CA GLU A 35 -4.15 11.90 2.92
C GLU A 35 -3.26 12.76 3.78
N THR A 36 -3.52 12.70 5.08
CA THR A 36 -2.83 13.50 6.09
C THR A 36 -2.32 12.63 7.22
N VAL A 37 -1.00 12.44 7.32
CA VAL A 37 -0.44 11.63 8.38
C VAL A 37 0.28 12.49 9.42
N ALA A 38 0.05 12.17 10.69
CA ALA A 38 0.73 12.85 11.80
C ALA A 38 1.10 11.87 12.92
N ASP A 39 1.34 12.39 14.11
CA ASP A 39 1.92 11.60 15.20
C ASP A 39 1.17 10.29 15.50
N SER A 40 -0.08 10.39 15.90
CA SER A 40 -0.87 9.20 16.14
C SER A 40 -2.18 9.39 15.40
N TYR A 41 -2.06 9.75 14.13
CA TYR A 41 -3.20 10.21 13.40
C TYR A 41 -2.99 9.99 11.93
N TYR A 42 -4.01 9.44 11.27
CA TYR A 42 -4.01 9.24 9.84
C TYR A 42 -5.40 9.55 9.31
N ALA A 43 -5.47 10.27 8.20
CA ALA A 43 -6.74 10.71 7.66
C ALA A 43 -6.68 10.66 6.14
N ARG A 44 -7.83 10.47 5.50
CA ARG A 44 -7.83 10.45 4.03
C ARG A 44 -9.23 10.44 3.43
N SER A 45 -9.33 10.94 2.21
CA SER A 45 -10.56 10.84 1.48
C SER A 45 -10.75 9.37 1.13
N LEU A 46 -12.01 8.97 0.93
CA LEU A 46 -12.35 7.58 0.70
C LEU A 46 -13.60 7.48 -0.18
N ALA A 47 -13.51 6.64 -1.20
CA ALA A 47 -14.64 6.29 -2.03
C ALA A 47 -14.94 4.81 -1.87
N VAL A 48 -16.15 4.51 -1.40
CA VAL A 48 -16.62 3.14 -1.37
C VAL A 48 -17.85 3.08 -2.25
N GLY A 49 -17.72 2.41 -3.39
CA GLY A 49 -18.78 2.43 -4.38
C GLY A 49 -19.11 3.86 -4.73
N GLU A 50 -20.37 4.25 -4.62
CA GLU A 50 -20.77 5.62 -4.91
C GLU A 50 -20.77 6.53 -3.68
N TYR A 51 -20.34 6.00 -2.53
CA TYR A 51 -20.30 6.80 -1.30
C TYR A 51 -18.92 7.46 -1.13
N ARG A 52 -18.91 8.68 -0.60
CA ARG A 52 -17.67 9.45 -0.46
C ARG A 52 -17.52 9.97 0.96
N GLY A 53 -16.29 10.28 1.35
CA GLY A 53 -16.07 10.94 2.63
C GLY A 53 -14.64 10.88 3.13
N VAL A 54 -14.48 11.17 4.42
CA VAL A 54 -13.18 11.21 5.08
C VAL A 54 -13.11 10.17 6.20
N VAL A 55 -11.97 9.51 6.31
CA VAL A 55 -11.77 8.58 7.42
C VAL A 55 -10.55 9.02 8.21
N THR A 56 -10.58 8.86 9.52
CA THR A 56 -9.40 9.09 10.32
C THR A 56 -9.22 7.89 11.23
N ALA A 57 -7.98 7.62 11.59
CA ALA A 57 -7.66 6.43 12.32
C ALA A 57 -6.71 6.88 13.39
N ILE A 58 -7.06 6.67 14.65
CA ILE A 58 -6.15 7.04 15.73
C ILE A 58 -5.80 5.84 16.62
N PRO A 59 -4.52 5.46 16.64
CA PRO A 59 -4.17 4.29 17.43
C PRO A 59 -4.30 4.60 18.91
N ASP A 60 -4.67 3.59 19.70
CA ASP A 60 -4.73 3.68 21.14
C ASP A 60 -3.91 2.52 21.69
N ILE A 61 -2.63 2.78 21.92
CA ILE A 61 -1.67 1.73 22.25
C ILE A 61 -2.00 1.03 23.56
N ALA A 62 -2.59 1.78 24.47
CA ALA A 62 -2.97 1.23 25.77
C ALA A 62 -3.91 0.04 25.64
N ARG A 63 -4.91 0.16 24.78
CA ARG A 63 -5.93 -0.88 24.70
C ARG A 63 -6.07 -1.60 23.35
N HIS A 64 -4.98 -1.69 22.61
CA HIS A 64 -4.95 -2.48 21.39
C HIS A 64 -6.14 -2.20 20.54
N THR A 65 -6.45 -0.92 20.40
CA THR A 65 -7.59 -0.52 19.60
C THR A 65 -7.18 0.56 18.61
N LEU A 66 -7.82 0.55 17.45
CA LEU A 66 -7.70 1.63 16.50
C LEU A 66 -9.03 2.36 16.46
N HIS A 67 -8.99 3.68 16.57
CA HIS A 67 -10.23 4.46 16.59
C HIS A 67 -10.46 5.03 15.22
N ILE A 68 -11.63 4.73 14.66
CA ILE A 68 -11.96 5.19 13.31
C ILE A 68 -13.12 6.14 13.38
N ASN A 69 -13.02 7.24 12.65
CA ASN A 69 -14.07 8.23 12.61
C ASN A 69 -14.46 8.35 11.15
N LEU A 70 -15.75 8.28 10.86
CA LEU A 70 -16.22 8.40 9.49
C LEU A 70 -17.05 9.66 9.25
N SER A 71 -16.88 10.28 8.08
CA SER A 71 -17.75 11.37 7.72
C SER A 71 -19.15 10.83 7.34
N ALA A 72 -20.16 11.69 7.40
CA ALA A 72 -21.54 11.25 7.25
C ALA A 72 -21.77 10.47 5.95
N GLY A 73 -21.11 10.88 4.87
CA GLY A 73 -21.32 10.23 3.59
C GLY A 73 -20.82 8.80 3.52
N LEU A 74 -20.08 8.40 4.54
CA LEU A 74 -19.44 7.09 4.55
C LEU A 74 -20.16 6.13 5.48
N GLU A 75 -21.07 6.66 6.28
CA GLU A 75 -21.83 5.82 7.22
C GLU A 75 -22.54 4.62 6.54
N PRO A 76 -23.26 4.85 5.43
CA PRO A 76 -24.02 3.74 4.85
C PRO A 76 -23.15 2.56 4.48
N VAL A 77 -21.85 2.80 4.33
CA VAL A 77 -20.90 1.76 3.92
C VAL A 77 -19.75 1.66 4.91
N ALA A 78 -20.08 1.85 6.19
CA ALA A 78 -19.12 1.75 7.30
C ALA A 78 -18.33 0.45 7.34
N ALA A 79 -19.01 -0.68 7.22
CA ALA A 79 -18.29 -1.96 7.29
C ALA A 79 -17.17 -2.04 6.26
N GLU A 80 -17.46 -1.63 5.02
CA GLU A 80 -16.44 -1.72 3.99
C GLU A 80 -15.29 -0.76 4.28
N CYS A 81 -15.58 0.43 4.79
CA CYS A 81 -14.51 1.36 5.14
C CYS A 81 -13.58 0.72 6.16
N LEU A 82 -14.18 0.09 7.16
CA LEU A 82 -13.43 -0.58 8.20
C LEU A 82 -12.58 -1.72 7.64
N ALA A 83 -13.09 -2.39 6.62
CA ALA A 83 -12.36 -3.46 5.99
C ALA A 83 -11.17 -2.89 5.23
N LYS A 84 -11.33 -1.68 4.69
CA LYS A 84 -10.25 -1.00 4.00
C LYS A 84 -9.21 -0.52 4.98
N MET A 85 -9.66 -0.01 6.12
CA MET A 85 -8.72 0.39 7.16
C MET A 85 -7.96 -0.81 7.67
N SER A 86 -8.65 -1.94 7.73
CA SER A 86 -8.06 -3.16 8.27
C SER A 86 -6.98 -3.74 7.38
N ARG A 87 -7.19 -3.62 6.07
CA ARG A 87 -6.23 -4.06 5.07
C ARG A 87 -5.09 -3.05 4.94
N LEU A 88 -5.42 -1.78 5.13
CA LEU A 88 -4.40 -0.73 5.12
C LEU A 88 -3.43 -0.87 6.29
N PHE A 89 -3.93 -1.31 7.45
CA PHE A 89 -3.13 -1.32 8.68
C PHE A 89 -2.72 -2.71 9.15
N ASP A 90 -3.23 -3.74 8.48
CA ASP A 90 -2.87 -5.12 8.79
C ASP A 90 -3.34 -5.52 10.17
N LEU A 91 -4.58 -5.18 10.51
CA LEU A 91 -5.11 -5.42 11.85
C LEU A 91 -5.36 -6.90 12.16
N GLN A 92 -5.63 -7.70 11.13
CA GLN A 92 -5.91 -9.11 11.34
C GLN A 92 -4.66 -9.97 11.48
N CYS A 93 -3.50 -9.38 11.31
CA CYS A 93 -2.26 -10.12 11.41
C CYS A 93 -2.06 -10.75 12.80
N ASN A 94 -1.52 -11.97 12.81
CA ASN A 94 -1.15 -12.69 14.03
C ASN A 94 0.36 -12.64 14.21
N PRO A 95 0.86 -11.55 14.83
CA PRO A 95 2.29 -11.26 14.93
C PRO A 95 3.10 -12.43 15.49
N GLN A 96 2.53 -13.11 16.49
CA GLN A 96 3.22 -14.23 17.09
C GLN A 96 3.49 -15.31 16.04
N ILE A 97 2.52 -15.58 15.18
CA ILE A 97 2.70 -16.58 14.13
C ILE A 97 3.77 -16.16 13.13
N VAL A 98 3.66 -14.93 12.65
CA VAL A 98 4.64 -14.39 11.72
C VAL A 98 6.03 -14.35 12.32
N ASN A 99 6.17 -13.75 13.48
CA ASN A 99 7.48 -13.55 14.08
C ASN A 99 8.16 -14.84 14.48
N GLY A 100 7.35 -15.81 14.88
CA GLY A 100 7.87 -17.10 15.28
C GLY A 100 8.47 -17.81 14.10
N ALA A 101 7.86 -17.59 12.94
CA ALA A 101 8.32 -18.19 11.67
C ALA A 101 9.50 -17.42 11.09
N LEU A 102 9.60 -16.13 11.39
CA LEU A 102 10.74 -15.33 10.96
C LEU A 102 11.95 -15.57 11.85
N GLY A 103 11.77 -16.32 12.92
CA GLY A 103 12.85 -16.64 13.83
C GLY A 103 13.69 -15.42 14.15
N ARG A 104 14.99 -15.49 13.84
CA ARG A 104 15.94 -14.42 14.16
C ARG A 104 15.65 -13.09 13.45
N LEU A 105 15.14 -13.16 12.23
CA LEU A 105 14.85 -11.96 11.43
C LEU A 105 13.64 -11.20 11.98
N GLY A 106 12.82 -11.88 12.78
CA GLY A 106 11.67 -11.25 13.38
C GLY A 106 12.00 -10.48 14.65
N ALA A 107 13.08 -10.87 15.32
CA ALA A 107 13.34 -10.44 16.69
C ALA A 107 13.47 -8.94 16.93
N ALA A 108 14.13 -8.22 16.03
CA ALA A 108 14.47 -6.82 16.30
C ALA A 108 13.29 -5.84 16.26
N ARG A 109 12.37 -6.08 15.33
CA ARG A 109 11.21 -5.21 15.15
C ARG A 109 9.95 -6.06 15.04
N PRO A 110 9.56 -6.72 16.13
CA PRO A 110 8.41 -7.62 16.09
C PRO A 110 7.08 -6.92 15.79
N GLY A 111 6.99 -5.61 16.01
CA GLY A 111 5.76 -4.90 15.72
C GLY A 111 5.62 -4.40 14.29
N LEU A 112 6.47 -4.91 13.38
CA LEU A 112 6.34 -4.53 11.98
C LEU A 112 5.14 -5.22 11.36
N ARG A 113 4.27 -4.43 10.72
CA ARG A 113 3.14 -4.97 9.99
C ARG A 113 3.35 -4.72 8.51
N LEU A 114 2.39 -5.17 7.71
CA LEU A 114 2.45 -4.98 6.27
C LEU A 114 1.51 -3.86 5.85
N PRO A 115 2.07 -2.68 5.52
CA PRO A 115 1.27 -1.50 5.18
C PRO A 115 0.56 -1.82 3.90
N GLY A 116 -0.75 -1.67 3.86
CA GLY A 116 -1.50 -2.12 2.70
C GLY A 116 -1.97 -0.91 1.95
N CYS A 117 -3.16 -1.00 1.39
CA CYS A 117 -3.76 0.15 0.73
C CYS A 117 -5.25 0.15 1.00
N VAL A 118 -5.92 1.12 0.39
CA VAL A 118 -7.33 1.30 0.59
C VAL A 118 -8.06 0.86 -0.69
N ASP A 119 -7.28 0.72 -1.77
CA ASP A 119 -7.83 0.46 -3.10
C ASP A 119 -6.75 -0.14 -3.98
N ALA A 120 -7.03 -1.30 -4.56
CA ALA A 120 -6.02 -2.03 -5.32
C ALA A 120 -5.54 -1.24 -6.54
N PHE A 121 -6.47 -0.53 -7.18
CA PHE A 121 -6.13 0.35 -8.27
C PHE A 121 -5.23 1.45 -7.76
N GLU A 122 -5.69 2.25 -6.80
CA GLU A 122 -4.84 3.31 -6.26
C GLU A 122 -3.42 2.82 -6.01
N GLN A 123 -3.30 1.68 -5.33
CA GLN A 123 -2.02 1.04 -5.11
C GLN A 123 -1.29 0.75 -6.43
N GLY A 124 -2.03 0.32 -7.44
CA GLY A 124 -1.45 0.07 -8.75
C GLY A 124 -0.86 1.31 -9.42
N VAL A 125 -1.59 2.42 -9.33
CA VAL A 125 -1.11 3.69 -9.84
C VAL A 125 0.15 4.10 -9.07
N ARG A 126 0.12 3.90 -7.76
CA ARG A 126 1.26 4.23 -6.92
C ARG A 126 2.46 3.37 -7.30
N ALA A 127 2.22 2.09 -7.53
CA ALA A 127 3.30 1.14 -7.81
C ALA A 127 4.07 1.53 -9.07
N ILE A 128 3.35 2.08 -10.03
CA ILE A 128 3.92 2.47 -11.31
C ILE A 128 4.70 3.76 -11.12
N LEU A 129 4.06 4.75 -10.51
CA LEU A 129 4.67 6.05 -10.36
C LEU A 129 5.94 6.01 -9.50
N GLY A 130 5.93 5.22 -8.45
CA GLY A 130 7.07 5.16 -7.54
C GLY A 130 8.15 4.25 -8.08
N GLN A 131 8.03 3.92 -9.36
CA GLN A 131 8.82 2.89 -10.01
C GLN A 131 10.34 3.04 -9.85
N LEU A 132 10.89 4.08 -10.43
CA LEU A 132 12.35 4.25 -10.45
C LEU A 132 12.82 5.43 -9.59
N VAL A 133 11.91 6.38 -9.39
CA VAL A 133 12.17 7.57 -8.60
C VAL A 133 12.22 7.29 -7.09
N SER A 134 12.53 8.32 -6.30
CA SER A 134 12.63 8.18 -4.84
C SER A 134 11.26 8.18 -4.18
N VAL A 135 11.18 7.64 -2.97
CA VAL A 135 9.90 7.57 -2.26
C VAL A 135 9.28 8.97 -2.20
N ALA A 136 10.15 9.95 -1.94
CA ALA A 136 9.72 11.33 -1.83
C ALA A 136 9.16 11.86 -3.14
N MET A 137 9.88 11.62 -4.25
CA MET A 137 9.46 12.19 -5.53
C MET A 137 8.19 11.57 -6.05
N ALA A 138 8.05 10.26 -5.91
CA ALA A 138 6.79 9.60 -6.22
C ALA A 138 5.64 10.30 -5.48
N ALA A 139 5.82 10.55 -4.19
CA ALA A 139 4.82 11.27 -3.43
C ALA A 139 4.41 12.60 -4.06
N LYS A 140 5.39 13.37 -4.55
CA LYS A 140 5.11 14.70 -5.12
C LYS A 140 4.46 14.55 -6.48
N LEU A 141 4.93 13.56 -7.23
CA LEU A 141 4.38 13.28 -8.56
C LEU A 141 2.92 12.86 -8.44
N THR A 142 2.67 11.88 -7.58
CA THR A 142 1.34 11.34 -7.35
C THR A 142 0.36 12.42 -6.86
N ALA A 143 0.88 13.41 -6.15
CA ALA A 143 0.06 14.54 -5.72
C ALA A 143 -0.32 15.42 -6.90
N ARG A 144 0.57 15.52 -7.89
CA ARG A 144 0.28 16.32 -9.07
C ARG A 144 -0.80 15.67 -9.91
N VAL A 145 -0.66 14.35 -10.11
CA VAL A 145 -1.65 13.56 -10.84
C VAL A 145 -3.01 13.72 -10.17
N ALA A 146 -3.07 13.39 -8.89
CA ALA A 146 -4.32 13.47 -8.15
C ALA A 146 -4.92 14.88 -8.21
N GLN A 147 -4.06 15.88 -8.09
CA GLN A 147 -4.52 17.27 -8.14
C GLN A 147 -5.29 17.54 -9.44
N LEU A 148 -4.88 16.88 -10.52
CA LEU A 148 -5.52 17.11 -11.80
C LEU A 148 -6.73 16.20 -12.02
N TYR A 149 -6.54 14.91 -11.77
CA TYR A 149 -7.56 13.90 -12.09
C TYR A 149 -8.39 13.42 -10.88
N GLY A 150 -8.12 13.97 -9.71
CA GLY A 150 -8.85 13.60 -8.51
C GLY A 150 -10.12 14.40 -8.32
N GLU A 151 -11.11 13.81 -7.66
CA GLU A 151 -12.40 14.45 -7.44
C GLU A 151 -12.49 15.03 -6.03
N ARG A 152 -12.92 16.27 -5.90
CA ARG A 152 -13.01 16.90 -4.59
C ARG A 152 -14.26 16.45 -3.82
N LEU A 153 -14.17 16.52 -2.50
CA LEU A 153 -15.31 16.21 -1.64
C LEU A 153 -16.17 17.47 -1.44
N ASP A 154 -17.49 17.30 -1.45
CA ASP A 154 -18.43 18.41 -1.28
C ASP A 154 -18.49 18.88 0.16
N ASP A 155 -18.22 17.97 1.08
CA ASP A 155 -18.29 18.28 2.50
C ASP A 155 -16.92 18.57 3.10
N PHE A 156 -15.87 18.08 2.44
CA PHE A 156 -14.49 18.36 2.89
C PHE A 156 -13.58 18.80 1.75
N PRO A 157 -13.75 20.05 1.31
CA PRO A 157 -13.09 20.73 0.19
C PRO A 157 -11.58 20.78 0.27
N GLU A 158 -11.00 20.50 1.43
CA GLU A 158 -9.55 20.40 1.51
C GLU A 158 -9.10 18.97 1.20
N TYR A 159 -10.05 18.12 0.85
CA TYR A 159 -9.71 16.75 0.50
C TYR A 159 -10.15 16.42 -0.90
N ILE A 160 -9.31 15.66 -1.58
CA ILE A 160 -9.69 15.19 -2.89
C ILE A 160 -9.48 13.70 -2.97
N CYS A 161 -10.33 13.04 -3.74
CA CYS A 161 -10.27 11.59 -3.88
C CYS A 161 -9.16 11.17 -4.81
N PHE A 162 -8.51 10.06 -4.49
CA PHE A 162 -7.57 9.48 -5.43
C PHE A 162 -8.33 9.16 -6.73
N PRO A 163 -7.74 9.57 -7.87
CA PRO A 163 -8.37 9.46 -9.19
C PRO A 163 -8.87 8.06 -9.53
N THR A 164 -10.08 8.01 -10.09
CA THR A 164 -10.75 6.76 -10.40
C THR A 164 -10.18 6.20 -11.69
N PRO A 165 -10.41 4.91 -11.95
CA PRO A 165 -9.98 4.28 -13.19
C PRO A 165 -10.61 4.95 -14.40
N GLN A 166 -11.72 5.65 -14.20
CA GLN A 166 -12.36 6.38 -15.30
C GLN A 166 -11.55 7.62 -15.71
N ARG A 167 -11.53 8.66 -14.87
CA ARG A 167 -10.80 9.88 -15.19
C ARG A 167 -9.38 9.54 -15.63
N LEU A 168 -8.86 8.42 -15.14
CA LEU A 168 -7.48 8.05 -15.41
C LEU A 168 -7.32 7.36 -16.78
N ALA A 169 -8.30 6.56 -17.18
CA ALA A 169 -8.23 5.95 -18.51
C ALA A 169 -8.41 7.02 -19.59
N ALA A 170 -9.29 7.98 -19.31
CA ALA A 170 -9.53 9.11 -20.21
C ALA A 170 -8.41 10.17 -20.15
N ALA A 171 -7.28 9.82 -19.54
CA ALA A 171 -6.19 10.77 -19.40
C ALA A 171 -5.43 10.97 -20.71
N ASP A 172 -5.09 12.22 -21.02
CA ASP A 172 -4.22 12.50 -22.16
C ASP A 172 -2.78 12.16 -21.75
N PRO A 173 -2.21 11.13 -22.38
CA PRO A 173 -0.85 10.64 -22.05
C PRO A 173 0.17 11.78 -22.01
N GLN A 174 -0.09 12.85 -22.74
CA GLN A 174 0.87 13.95 -22.80
C GLN A 174 0.72 14.87 -21.59
N ALA A 175 -0.53 15.08 -21.18
CA ALA A 175 -0.85 15.84 -19.97
C ALA A 175 -0.22 15.15 -18.77
N LEU A 176 -0.28 13.82 -18.78
CA LEU A 176 0.43 13.02 -17.79
C LEU A 176 1.95 13.24 -17.88
N LYS A 177 2.48 13.14 -19.08
CA LYS A 177 3.92 13.29 -19.26
C LYS A 177 4.37 14.64 -18.73
N ALA A 178 3.52 15.65 -18.89
CA ALA A 178 3.82 17.01 -18.45
C ALA A 178 3.89 17.14 -16.92
N LEU A 179 3.17 16.27 -16.23
CA LEU A 179 3.21 16.25 -14.78
C LEU A 179 4.57 15.74 -14.33
N GLY A 180 5.39 15.33 -15.29
CA GLY A 180 6.77 14.99 -15.01
C GLY A 180 7.04 13.50 -15.02
N MET A 181 6.84 12.87 -16.17
CA MET A 181 7.12 11.44 -16.27
C MET A 181 7.25 11.01 -17.73
N PRO A 182 7.94 9.87 -17.95
CA PRO A 182 8.14 9.28 -19.28
C PRO A 182 6.82 8.95 -19.94
N LEU A 183 6.80 8.98 -21.26
CA LEU A 183 5.61 8.61 -22.00
C LEU A 183 5.23 7.18 -21.67
N LYS A 184 6.23 6.31 -21.70
CA LYS A 184 6.03 4.89 -21.45
C LYS A 184 5.34 4.61 -20.11
N ARG A 185 5.42 5.57 -19.20
CA ARG A 185 4.83 5.39 -17.87
C ARG A 185 3.42 5.95 -17.78
N ALA A 186 3.21 7.11 -18.39
CA ALA A 186 1.86 7.63 -18.55
C ALA A 186 1.01 6.59 -19.28
N GLU A 187 1.60 5.91 -20.24
CA GLU A 187 0.89 4.88 -20.99
C GLU A 187 0.61 3.65 -20.12
N ALA A 188 1.59 3.28 -19.29
CA ALA A 188 1.38 2.21 -18.30
C ALA A 188 0.16 2.49 -17.42
N LEU A 189 0.14 3.66 -16.80
CA LEU A 189 -1.00 4.08 -15.97
C LEU A 189 -2.31 3.87 -16.70
N ILE A 190 -2.40 4.43 -17.90
CA ILE A 190 -3.64 4.36 -18.67
C ILE A 190 -4.01 2.92 -18.96
N HIS A 191 -3.02 2.08 -19.23
CA HIS A 191 -3.32 0.70 -19.47
C HIS A 191 -4.00 0.10 -18.24
N LEU A 192 -3.31 0.16 -17.11
CA LEU A 192 -3.86 -0.31 -15.84
C LEU A 192 -5.24 0.27 -15.57
N ALA A 193 -5.37 1.59 -15.73
CA ALA A 193 -6.65 2.26 -15.49
C ALA A 193 -7.73 1.65 -16.38
N ASN A 194 -7.29 1.08 -17.50
CA ASN A 194 -8.21 0.40 -18.40
C ASN A 194 -8.53 -1.04 -17.98
N ALA A 195 -7.50 -1.81 -17.63
CA ALA A 195 -7.72 -3.16 -17.15
C ALA A 195 -8.73 -3.13 -16.02
N ALA A 196 -8.41 -2.38 -14.97
CA ALA A 196 -9.30 -2.27 -13.81
C ALA A 196 -10.71 -1.87 -14.22
N LEU A 197 -10.82 -1.00 -15.22
CA LEU A 197 -12.11 -0.54 -15.74
C LEU A 197 -12.90 -1.70 -16.38
N GLU A 198 -12.17 -2.63 -16.98
CA GLU A 198 -12.78 -3.79 -17.62
C GLU A 198 -12.33 -5.10 -16.94
N GLY A 199 -12.48 -5.16 -15.62
CA GLY A 199 -12.23 -6.38 -14.86
C GLY A 199 -10.86 -7.03 -14.96
N THR A 200 -10.08 -6.63 -15.97
CA THR A 200 -8.79 -7.27 -16.22
C THR A 200 -7.76 -7.18 -15.07
N LEU A 201 -7.94 -6.22 -14.17
CA LEU A 201 -7.09 -6.10 -12.97
C LEU A 201 -7.86 -6.46 -11.72
N PRO A 202 -7.43 -7.52 -11.04
CA PRO A 202 -8.09 -8.02 -9.84
C PRO A 202 -8.03 -7.00 -8.71
N MET A 203 -9.19 -6.65 -8.14
CA MET A 203 -9.23 -5.71 -7.02
C MET A 203 -9.06 -6.43 -5.69
N THR A 204 -9.56 -7.65 -5.60
CA THR A 204 -9.36 -8.41 -4.38
C THR A 204 -8.31 -9.48 -4.59
N ILE A 205 -7.56 -9.78 -3.53
CA ILE A 205 -6.50 -10.78 -3.60
C ILE A 205 -6.94 -12.09 -4.28
N PRO A 206 -6.40 -12.33 -5.49
CA PRO A 206 -6.56 -13.56 -6.27
C PRO A 206 -6.17 -14.83 -5.49
N GLY A 207 -6.75 -15.97 -5.88
CA GLY A 207 -6.50 -17.23 -5.21
C GLY A 207 -5.13 -17.76 -5.52
N ASP A 208 -4.71 -17.56 -6.77
CA ASP A 208 -3.37 -17.93 -7.17
C ASP A 208 -2.61 -16.64 -7.48
N VAL A 209 -1.79 -16.22 -6.53
CA VAL A 209 -1.11 -14.94 -6.59
C VAL A 209 0.05 -14.96 -7.58
N GLU A 210 0.85 -16.02 -7.53
CA GLU A 210 1.94 -16.19 -8.50
C GLU A 210 1.39 -16.15 -9.92
N GLN A 211 0.31 -16.89 -10.15
CA GLN A 211 -0.37 -16.89 -11.43
C GLN A 211 -0.87 -15.49 -11.78
N ALA A 212 -1.51 -14.83 -10.81
CA ALA A 212 -2.07 -13.51 -11.03
C ALA A 212 -0.98 -12.49 -11.38
N MET A 213 0.22 -12.69 -10.84
CA MET A 213 1.35 -11.80 -11.10
C MET A 213 1.99 -12.06 -12.45
N LYS A 214 1.94 -13.31 -12.88
CA LYS A 214 2.33 -13.65 -14.23
C LYS A 214 1.58 -12.71 -15.15
N THR A 215 0.27 -12.71 -15.00
CA THR A 215 -0.59 -11.93 -15.87
C THR A 215 -0.24 -10.45 -15.81
N LEU A 216 0.04 -9.97 -14.59
CA LEU A 216 0.46 -8.59 -14.39
C LEU A 216 1.71 -8.20 -15.17
N GLN A 217 2.77 -9.00 -15.04
CA GLN A 217 4.03 -8.66 -15.67
C GLN A 217 3.95 -8.54 -17.20
N THR A 218 2.80 -8.90 -17.76
CA THR A 218 2.61 -8.79 -19.21
C THR A 218 2.03 -7.43 -19.55
N PHE A 219 1.77 -6.64 -18.51
CA PHE A 219 1.34 -5.27 -18.66
C PHE A 219 2.57 -4.43 -19.01
N PRO A 220 2.38 -3.44 -19.90
CA PRO A 220 3.39 -2.42 -20.23
C PRO A 220 3.83 -1.62 -19.01
N GLY A 221 5.14 -1.57 -18.78
CA GLY A 221 5.68 -0.84 -17.64
C GLY A 221 5.78 -1.66 -16.38
N ILE A 222 4.93 -2.68 -16.29
CA ILE A 222 4.92 -3.60 -15.16
C ILE A 222 5.81 -4.79 -15.42
N GLY A 223 6.84 -4.96 -14.60
CA GLY A 223 7.70 -6.12 -14.68
C GLY A 223 7.55 -6.96 -13.43
N ARG A 224 8.59 -7.73 -13.12
CA ARG A 224 8.58 -8.66 -12.00
C ARG A 224 8.65 -7.96 -10.64
N TRP A 225 9.41 -6.88 -10.55
CA TRP A 225 9.50 -6.14 -9.30
C TRP A 225 8.16 -5.41 -9.06
N THR A 226 7.85 -4.48 -9.95
CA THR A 226 6.58 -3.75 -9.86
C THR A 226 5.39 -4.68 -9.62
N ALA A 227 5.44 -5.90 -10.15
CA ALA A 227 4.32 -6.83 -9.98
C ALA A 227 4.32 -7.44 -8.59
N ASN A 228 5.50 -7.73 -8.08
CA ASN A 228 5.63 -8.35 -6.77
C ASN A 228 5.28 -7.37 -5.65
N TYR A 229 5.85 -6.17 -5.73
CA TYR A 229 5.63 -5.17 -4.70
C TYR A 229 4.18 -4.68 -4.71
N PHE A 230 3.47 -4.90 -5.81
CA PHE A 230 2.06 -4.51 -5.87
C PHE A 230 1.19 -5.60 -5.24
N ALA A 231 1.53 -6.87 -5.49
CA ALA A 231 0.80 -7.95 -4.87
C ALA A 231 0.89 -7.76 -3.37
N LEU A 232 2.06 -7.36 -2.91
CA LEU A 232 2.32 -7.19 -1.50
C LEU A 232 1.47 -6.07 -0.86
N ARG A 233 1.47 -4.90 -1.47
CA ARG A 233 0.82 -3.72 -0.90
C ARG A 233 -0.62 -3.57 -1.38
N GLY A 234 -0.87 -3.98 -2.62
CA GLY A 234 -2.17 -3.87 -3.24
C GLY A 234 -3.13 -4.99 -2.91
N TRP A 235 -2.60 -6.20 -2.83
CA TRP A 235 -3.41 -7.35 -2.46
C TRP A 235 -3.14 -7.79 -1.02
N GLN A 236 -2.06 -7.29 -0.45
CA GLN A 236 -1.61 -7.75 0.86
C GLN A 236 -1.39 -9.24 0.79
N ALA A 237 -0.73 -9.67 -0.27
CA ALA A 237 -0.25 -11.03 -0.35
C ALA A 237 0.88 -11.07 0.63
N LYS A 238 0.80 -11.98 1.59
CA LYS A 238 1.82 -12.08 2.65
C LYS A 238 2.97 -13.06 2.40
N ASP A 239 2.87 -13.88 1.36
CA ASP A 239 3.94 -14.80 1.03
C ASP A 239 4.68 -14.44 -0.28
N VAL A 240 4.99 -13.16 -0.43
CA VAL A 240 5.68 -12.69 -1.62
C VAL A 240 7.07 -12.19 -1.27
N PHE A 241 8.04 -12.51 -2.11
CA PHE A 241 9.42 -12.08 -1.89
C PHE A 241 10.07 -11.51 -3.17
N LEU A 242 10.98 -10.54 -3.01
CA LEU A 242 11.62 -9.87 -4.14
C LEU A 242 13.15 -10.05 -4.12
N PRO A 243 13.65 -11.10 -4.78
CA PRO A 243 15.08 -11.41 -4.80
C PRO A 243 15.88 -10.43 -5.68
N ASP A 244 15.18 -9.69 -6.52
CA ASP A 244 15.81 -8.77 -7.45
C ASP A 244 15.90 -7.36 -6.90
N ASP A 245 15.25 -7.13 -5.77
CA ASP A 245 15.24 -5.81 -5.16
C ASP A 245 16.67 -5.34 -4.90
N CYS A 246 16.96 -4.10 -5.23
CA CYS A 246 18.32 -3.58 -5.12
C CYS A 246 18.84 -3.70 -3.70
N LEU A 247 17.98 -3.41 -2.74
CA LEU A 247 18.37 -3.36 -1.34
C LEU A 247 18.64 -4.74 -0.77
N ILE A 248 18.06 -5.76 -1.40
CA ILE A 248 18.20 -7.13 -0.94
C ILE A 248 19.48 -7.78 -1.46
N LYS A 249 19.77 -7.59 -2.73
CA LYS A 249 21.02 -8.09 -3.27
C LYS A 249 22.17 -7.52 -2.46
N GLN A 250 22.04 -6.26 -2.05
CA GLN A 250 23.06 -5.63 -1.22
C GLN A 250 23.26 -6.38 0.10
N ARG A 251 22.15 -6.81 0.71
CA ARG A 251 22.23 -7.50 2.00
C ARG A 251 22.54 -9.00 1.85
N PHE A 252 22.82 -9.42 0.61
CA PHE A 252 23.25 -10.78 0.33
C PHE A 252 24.62 -10.84 -0.34
N PRO A 253 25.69 -10.85 0.47
CA PRO A 253 27.08 -10.85 0.02
C PRO A 253 27.29 -11.78 -1.17
N GLY A 254 27.28 -11.21 -2.36
CA GLY A 254 27.49 -11.96 -3.59
C GLY A 254 26.58 -13.17 -3.67
N MET A 255 25.34 -12.92 -4.07
CA MET A 255 24.36 -13.98 -4.19
C MET A 255 23.41 -13.70 -5.35
N THR A 256 23.10 -14.73 -6.11
CA THR A 256 22.32 -14.56 -7.33
C THR A 256 20.82 -14.56 -7.05
N PRO A 257 20.08 -13.71 -7.78
CA PRO A 257 18.61 -13.63 -7.79
C PRO A 257 17.93 -14.99 -7.98
N ALA A 258 18.63 -16.06 -7.64
CA ALA A 258 18.07 -17.40 -7.71
C ALA A 258 18.50 -18.17 -6.48
N GLN A 259 19.71 -17.87 -5.99
CA GLN A 259 20.22 -18.47 -4.78
C GLN A 259 19.40 -18.04 -3.59
N ILE A 260 18.99 -16.78 -3.58
CA ILE A 260 18.17 -16.26 -2.50
C ILE A 260 16.72 -16.77 -2.57
N ARG A 261 16.21 -16.99 -3.78
CA ARG A 261 14.86 -17.54 -3.91
C ARG A 261 14.73 -18.83 -3.12
N ARG A 262 15.86 -19.50 -2.90
CA ARG A 262 15.89 -20.73 -2.11
C ARG A 262 16.15 -20.44 -0.62
N TYR A 263 16.78 -19.30 -0.36
CA TYR A 263 17.04 -18.88 1.01
C TYR A 263 15.73 -18.39 1.63
N ALA A 264 15.01 -17.55 0.89
CA ALA A 264 13.79 -16.96 1.40
C ALA A 264 12.68 -17.99 1.47
N GLU A 265 12.99 -19.22 1.08
CA GLU A 265 12.01 -20.30 1.11
C GLU A 265 11.82 -20.68 2.55
N ARG A 266 12.86 -20.46 3.34
CA ARG A 266 12.86 -20.83 4.74
C ARG A 266 11.84 -20.02 5.55
N TRP A 267 11.27 -19.00 4.90
CA TRP A 267 10.33 -18.12 5.56
C TRP A 267 8.90 -18.19 5.04
N LYS A 268 8.57 -19.22 4.26
CA LYS A 268 7.17 -19.50 3.92
C LYS A 268 6.35 -19.71 5.18
N PRO A 269 5.07 -19.32 5.15
CA PRO A 269 4.36 -18.61 4.09
C PRO A 269 4.24 -17.12 4.43
N TRP A 270 5.32 -16.53 4.94
CA TRP A 270 5.29 -15.17 5.43
C TRP A 270 6.43 -14.37 4.81
N ARG A 271 6.72 -14.66 3.56
CA ARG A 271 7.88 -14.08 2.90
C ARG A 271 7.75 -12.56 2.70
N SER A 272 6.53 -12.06 2.61
CA SER A 272 6.34 -10.61 2.53
C SER A 272 6.84 -9.94 3.80
N TYR A 273 6.49 -10.51 4.94
CA TYR A 273 6.90 -9.93 6.20
C TYR A 273 8.40 -10.06 6.31
N ALA A 274 8.95 -11.15 5.76
CA ALA A 274 10.38 -11.41 5.86
C ALA A 274 11.13 -10.33 5.09
N LEU A 275 10.65 -10.08 3.88
CA LEU A 275 11.15 -9.03 3.03
C LEU A 275 11.22 -7.69 3.73
N LEU A 276 10.15 -7.34 4.43
CA LEU A 276 10.07 -6.06 5.14
C LEU A 276 11.07 -6.01 6.26
N HIS A 277 11.18 -7.10 7.01
CA HIS A 277 12.09 -7.13 8.14
C HIS A 277 13.51 -6.92 7.65
N ILE A 278 13.81 -7.42 6.45
CA ILE A 278 15.15 -7.23 5.92
C ILE A 278 15.40 -5.78 5.58
N TRP A 279 14.49 -5.17 4.83
CA TRP A 279 14.61 -3.76 4.48
C TRP A 279 14.85 -2.91 5.71
N TYR A 280 13.98 -3.06 6.70
CA TYR A 280 13.95 -2.12 7.80
C TYR A 280 14.74 -2.56 9.03
N THR A 281 15.34 -3.74 8.94
CA THR A 281 16.30 -4.14 9.96
C THR A 281 17.72 -3.99 9.43
N GLU A 282 18.34 -2.87 9.82
CA GLU A 282 19.68 -2.51 9.39
C GLU A 282 20.71 -3.51 9.90
N GLY A 283 20.60 -3.83 11.18
CA GLY A 283 21.58 -4.67 11.85
C GLY A 283 21.65 -6.06 11.25
N TRP A 284 20.65 -6.41 10.44
CA TRP A 284 20.48 -7.78 10.01
C TRP A 284 21.45 -8.23 8.92
N GLN A 285 21.91 -9.47 9.04
CA GLN A 285 22.66 -10.15 8.00
C GLN A 285 22.28 -11.63 7.90
N PRO A 286 22.30 -12.18 6.68
CA PRO A 286 21.97 -13.61 6.49
C PRO A 286 22.75 -14.53 7.40
N ASP A 287 22.15 -15.67 7.73
CA ASP A 287 22.86 -16.75 8.40
C ASP A 287 23.69 -17.41 7.31
N GLU A 288 24.88 -16.87 7.07
CA GLU A 288 25.71 -17.27 5.93
C GLU A 288 25.78 -18.79 5.75
#